data_5HNS
#
_entry.id   5HNS
#
_cell.length_a   87.890
_cell.length_b   115.910
_cell.length_c   147.400
_cell.angle_alpha   90.00
_cell.angle_beta   90.00
_cell.angle_gamma   90.00
#
_symmetry.space_group_name_H-M   'C 2 2 21'
#
loop_
_entity.id
_entity.type
_entity.pdbx_description
1 polymer 'Niemann-Pick C1 protein'
2 branched 2-acetamido-2-deoxy-beta-D-glucopyranose-(1-4)-2-acetamido-2-deoxy-beta-D-glucopyranose
3 branched alpha-D-mannopyranose-(1-6)-beta-D-mannopyranose-(1-4)-2-acetamido-2-deoxy-beta-D-glucopyranose-(1-4)-2-acetamido-2-deoxy-beta-D-glucopyranose
4 branched alpha-D-mannopyranose-(1-3)-[alpha-D-mannopyranose-(1-6)]beta-D-mannopyranose-(1-4)-2-acetamido-2-deoxy-beta-D-glucopyranose-(1-4)-2-acetamido-2-deoxy-beta-D-glucopyranose
5 branched beta-D-mannopyranose-(1-4)-2-acetamido-2-deoxy-beta-D-glucopyranose-(1-4)-2-acetamido-2-deoxy-beta-D-glucopyranose
6 non-polymer 2-acetamido-2-deoxy-beta-D-glucopyranose
7 non-polymer 'THIOCYANATE ION'
8 water water
#
_entity_poly.entity_id   1
_entity_poly.type   'polypeptide(L)'
_entity_poly.pdbx_seq_one_letter_code
;ETGQARLEKEYFDQHFGPFFRTEQLIIRAPLTDKHIYQPYPSGADVPFGPPLDIQILHQVLDLQIAIENITASYDNETVT
LQDICLAPLSPYNTNCTILSVLNYFQNSHSVLDHKKGDDFFVYADYHTHFLYCVRAPASLNDTSLLHDPCLGTFGGPVFP
WLVLGGYDDQNYNNATALVITFPVNNYYNDTEKLQRAQAWEKEFINFVKNYKNPNLTISFTAERSIEDELNRESDTGTLE
VLFQ
;
_entity_poly.pdbx_strand_id   A,B
#
loop_
_chem_comp.id
_chem_comp.type
_chem_comp.name
_chem_comp.formula
BMA D-saccharide, beta linking beta-D-mannopyranose 'C6 H12 O6'
MAN D-saccharide, alpha linking alpha-D-mannopyranose 'C6 H12 O6'
NAG D-saccharide, beta linking 2-acetamido-2-deoxy-beta-D-glucopyranose 'C8 H15 N O6'
SCN non-polymer 'THIOCYANATE ION' 'C N S -1'
#
# COMPACT_ATOMS: atom_id res chain seq x y z
N LYS A 9 3.26 12.72 12.21
CA LYS A 9 3.36 11.32 11.68
C LYS A 9 2.75 11.21 10.30
N GLU A 10 1.45 11.50 10.17
CA GLU A 10 0.76 11.46 8.87
C GLU A 10 0.83 12.82 8.11
N TYR A 11 1.30 13.89 8.76
CA TYR A 11 1.58 15.17 8.07
C TYR A 11 2.52 15.02 6.87
N PHE A 12 3.56 14.19 7.03
CA PHE A 12 4.62 14.03 6.04
C PHE A 12 4.15 13.29 4.79
N ASP A 13 3.17 12.40 4.95
CA ASP A 13 2.60 11.62 3.82
C ASP A 13 1.74 12.44 2.82
N GLN A 14 1.49 13.74 3.06
CA GLN A 14 0.48 14.52 2.31
C GLN A 14 -0.92 14.04 2.77
N HIS A 15 -0.95 13.54 4.00
CA HIS A 15 -2.07 12.83 4.62
C HIS A 15 -2.41 11.49 3.94
N PHE A 16 -2.94 11.50 2.72
CA PHE A 16 -2.99 10.24 1.91
C PHE A 16 -3.21 10.68 0.48
N GLY A 17 -2.21 11.39 -0.03
CA GLY A 17 -2.24 11.96 -1.37
C GLY A 17 -3.19 13.13 -1.34
N PRO A 18 -3.43 13.73 -2.52
CA PRO A 18 -4.24 14.94 -2.56
C PRO A 18 -5.73 14.77 -2.31
N PHE A 19 -6.29 13.56 -2.39
CA PHE A 19 -7.76 13.38 -2.33
C PHE A 19 -8.30 12.75 -1.04
N PHE A 20 -7.41 12.35 -0.13
CA PHE A 20 -7.81 11.70 1.12
C PHE A 20 -7.05 12.35 2.25
N ARG A 21 -7.71 12.49 3.39
CA ARG A 21 -7.06 12.86 4.66
C ARG A 21 -7.12 11.65 5.60
N THR A 22 -6.40 11.71 6.71
CA THR A 22 -6.38 10.61 7.67
C THR A 22 -6.88 11.05 9.03
N GLU A 23 -7.78 10.25 9.62
CA GLU A 23 -8.01 10.28 11.06
C GLU A 23 -7.06 9.27 11.67
N GLN A 24 -6.31 9.68 12.68
CA GLN A 24 -5.25 8.87 13.24
C GLN A 24 -5.22 8.91 14.78
N LEU A 25 -5.09 7.72 15.38
CA LEU A 25 -5.01 7.56 16.82
C LEU A 25 -3.69 6.92 17.22
N ILE A 26 -3.08 7.41 18.31
CA ILE A 26 -1.95 6.70 18.92
C ILE A 26 -2.42 6.08 20.26
N ILE A 27 -2.10 4.81 20.45
CA ILE A 27 -2.64 4.01 21.55
C ILE A 27 -1.49 3.41 22.34
N ARG A 28 -1.49 3.64 23.66
CA ARG A 28 -0.53 3.02 24.57
C ARG A 28 -1.26 2.24 25.65
N ALA A 29 -0.55 1.29 26.28
CA ALA A 29 -1.10 0.47 27.37
C ALA A 29 -0.33 0.69 28.69
N PRO A 30 -0.66 1.77 29.42
CA PRO A 30 0.14 2.19 30.59
C PRO A 30 0.13 1.22 31.81
N LEU A 31 -0.90 0.40 31.94
CA LEU A 31 -1.01 -0.55 33.05
C LEU A 31 -0.58 -1.97 32.68
N THR A 32 0.13 -2.13 31.57
CA THR A 32 0.51 -3.45 31.06
C THR A 32 2.04 -3.54 30.98
N ASP A 33 2.58 -4.69 31.36
CA ASP A 33 4.02 -4.92 31.31
C ASP A 33 4.38 -5.56 29.99
N LYS A 34 5.65 -5.48 29.64
CA LYS A 34 6.18 -6.26 28.53
C LYS A 34 6.11 -7.75 28.88
N HIS A 35 6.40 -8.60 27.91
CA HIS A 35 6.45 -10.03 28.16
C HIS A 35 7.32 -10.74 27.15
N ILE A 36 7.71 -11.95 27.51
CA ILE A 36 8.65 -12.73 26.72
C ILE A 36 7.88 -13.77 25.91
N TYR A 37 8.32 -13.95 24.66
CA TYR A 37 7.86 -15.03 23.80
C TYR A 37 9.09 -15.87 23.49
N GLN A 38 8.97 -17.18 23.71
CA GLN A 38 10.06 -18.12 23.49
C GLN A 38 9.75 -18.97 22.26
N PRO A 39 10.51 -18.78 21.17
CA PRO A 39 10.18 -19.53 19.95
C PRO A 39 10.51 -21.02 20.06
N TYR A 40 9.69 -21.83 19.39
CA TYR A 40 9.82 -23.28 19.35
C TYR A 40 10.50 -23.66 18.03
N PRO A 41 11.39 -24.67 18.01
CA PRO A 41 11.84 -25.43 19.19
C PRO A 41 12.94 -24.73 20.01
N SER A 42 13.79 -23.96 19.32
CA SER A 42 14.86 -23.19 19.94
C SER A 42 14.91 -21.82 19.31
N GLY A 43 15.68 -20.92 19.92
CA GLY A 43 15.86 -19.56 19.42
C GLY A 43 15.90 -18.56 20.55
N ALA A 44 16.52 -17.40 20.29
CA ALA A 44 16.63 -16.34 21.28
C ALA A 44 15.26 -15.80 21.68
N ASP A 45 15.14 -15.38 22.94
CA ASP A 45 13.89 -14.78 23.44
C ASP A 45 13.56 -13.49 22.70
N VAL A 46 12.26 -13.25 22.51
CA VAL A 46 11.77 -12.03 21.88
C VAL A 46 10.83 -11.35 22.87
N PRO A 47 11.25 -10.20 23.42
CA PRO A 47 10.34 -9.43 24.27
C PRO A 47 9.31 -8.67 23.43
N PHE A 48 8.08 -8.61 23.93
CA PHE A 48 7.00 -7.90 23.28
C PHE A 48 6.54 -6.78 24.21
N GLY A 49 6.42 -5.57 23.67
CA GLY A 49 6.07 -4.40 24.46
C GLY A 49 4.63 -4.42 24.96
N PRO A 50 4.30 -3.50 25.90
CA PRO A 50 2.96 -3.47 26.51
C PRO A 50 1.77 -3.54 25.54
N PRO A 51 1.77 -2.74 24.45
CA PRO A 51 0.58 -2.77 23.59
C PRO A 51 0.41 -4.04 22.73
N LEU A 52 1.41 -4.94 22.73
CA LEU A 52 1.31 -6.20 22.01
C LEU A 52 0.96 -7.38 22.90
N ASP A 53 0.56 -7.12 24.14
CA ASP A 53 -0.08 -8.11 24.99
C ASP A 53 -1.37 -8.56 24.29
N ILE A 54 -1.61 -9.88 24.27
CA ILE A 54 -2.74 -10.47 23.55
C ILE A 54 -4.08 -9.83 23.93
N GLN A 55 -4.29 -9.53 25.21
CA GLN A 55 -5.56 -8.99 25.68
C GLN A 55 -5.75 -7.54 25.30
N ILE A 56 -4.67 -6.76 25.35
CA ILE A 56 -4.76 -5.36 24.92
C ILE A 56 -5.02 -5.30 23.39
N LEU A 57 -4.44 -6.21 22.62
CA LEU A 57 -4.78 -6.29 21.18
C LEU A 57 -6.26 -6.59 20.93
N HIS A 58 -6.83 -7.52 21.71
CA HIS A 58 -8.28 -7.80 21.64
C HIS A 58 -9.09 -6.55 21.97
N GLN A 59 -8.66 -5.82 22.99
CA GLN A 59 -9.33 -4.58 23.40
C GLN A 59 -9.19 -3.47 22.36
N VAL A 60 -8.01 -3.36 21.76
CA VAL A 60 -7.79 -2.42 20.67
C VAL A 60 -8.63 -2.81 19.44
N LEU A 61 -8.80 -4.10 19.19
CA LEU A 61 -9.66 -4.53 18.08
C LEU A 61 -11.11 -4.13 18.30
N ASP A 62 -11.58 -4.18 19.55
CA ASP A 62 -12.96 -3.78 19.87
C ASP A 62 -13.17 -2.30 19.66
N LEU A 63 -12.20 -1.50 20.08
CA LEU A 63 -12.15 -0.06 19.75
C LEU A 63 -12.26 0.16 18.25
N GLN A 64 -11.45 -0.58 17.49
CA GLN A 64 -11.40 -0.46 16.03
C GLN A 64 -12.73 -0.80 15.37
N ILE A 65 -13.31 -1.92 15.79
CA ILE A 65 -14.62 -2.36 15.28
C ILE A 65 -15.70 -1.35 15.62
N ALA A 66 -15.61 -0.75 16.82
CA ALA A 66 -16.61 0.24 17.24
C ALA A 66 -16.52 1.51 16.40
N ILE A 67 -15.30 1.93 16.10
CA ILE A 67 -15.04 3.05 15.17
C ILE A 67 -15.65 2.82 13.78
N GLU A 68 -15.45 1.62 13.22
CA GLU A 68 -16.07 1.24 11.94
C GLU A 68 -17.59 1.36 11.94
N ASN A 69 -18.19 1.10 13.10
CA ASN A 69 -19.63 1.12 13.27
C ASN A 69 -20.23 2.49 13.62
N ILE A 70 -19.39 3.51 13.86
CA ILE A 70 -19.88 4.85 14.17
C ILE A 70 -20.69 5.40 13.00
N THR A 71 -21.82 6.01 13.32
CA THR A 71 -22.67 6.69 12.36
C THR A 71 -22.96 8.10 12.85
N ALA A 72 -23.13 9.01 11.89
CA ALA A 72 -23.55 10.38 12.13
C ALA A 72 -24.76 10.65 11.24
N SER A 73 -25.57 11.64 11.58
CA SER A 73 -26.69 12.06 10.73
C SER A 73 -26.47 13.47 10.18
N TYR A 74 -26.81 13.66 8.91
CA TYR A 74 -26.71 14.96 8.27
C TYR A 74 -27.93 15.13 7.38
N ASP A 75 -28.68 16.21 7.61
CA ASP A 75 -30.09 16.31 7.20
C ASP A 75 -30.83 15.09 7.79
N ASN A 76 -31.56 14.33 6.97
CA ASN A 76 -32.23 13.12 7.44
C ASN A 76 -31.41 11.86 7.11
N GLU A 77 -30.32 12.01 6.33
CA GLU A 77 -29.46 10.90 5.94
C GLU A 77 -28.60 10.38 7.11
N THR A 78 -28.08 9.16 6.95
CA THR A 78 -27.09 8.59 7.86
C THR A 78 -25.74 8.47 7.15
N VAL A 79 -24.67 8.84 7.85
CA VAL A 79 -23.31 8.79 7.32
C VAL A 79 -22.50 7.73 8.06
N THR A 80 -22.02 6.74 7.31
CA THR A 80 -21.12 5.71 7.83
C THR A 80 -19.69 5.98 7.37
N LEU A 81 -18.73 5.32 8.01
CA LEU A 81 -17.35 5.33 7.54
C LEU A 81 -17.22 4.75 6.12
N GLN A 82 -18.07 3.77 5.79
CA GLN A 82 -18.05 3.11 4.49
C GLN A 82 -18.42 4.05 3.35
N ASP A 83 -19.22 5.07 3.64
CA ASP A 83 -19.55 6.11 2.66
C ASP A 83 -18.39 7.04 2.31
N ILE A 84 -17.46 7.24 3.24
CA ILE A 84 -16.42 8.25 3.07
C ILE A 84 -14.99 7.70 2.96
N CYS A 85 -14.80 6.40 3.19
CA CYS A 85 -13.46 5.84 3.32
C CYS A 85 -12.83 5.47 1.98
N LEU A 86 -11.52 5.23 2.04
CA LEU A 86 -10.76 4.63 0.96
C LEU A 86 -10.96 3.11 1.03
N ALA A 87 -11.55 2.55 -0.03
CA ALA A 87 -11.87 1.13 -0.09
C ALA A 87 -11.46 0.55 -1.45
N PRO A 88 -10.18 0.19 -1.61
CA PRO A 88 -9.64 -0.11 -2.94
C PRO A 88 -9.91 -1.50 -3.53
N LEU A 89 -10.71 -2.34 -2.87
CA LEU A 89 -11.06 -3.66 -3.43
C LEU A 89 -12.10 -3.57 -4.54
N SER A 90 -12.99 -2.60 -4.45
CA SER A 90 -14.04 -2.42 -5.46
C SER A 90 -14.45 -0.94 -5.55
N PRO A 91 -14.98 -0.49 -6.72
N PRO A 91 -15.04 -0.51 -6.68
CA PRO A 91 -15.42 0.91 -6.89
CA PRO A 91 -15.55 0.87 -6.82
C PRO A 91 -16.54 1.37 -5.94
C PRO A 91 -16.57 1.34 -5.75
N TYR A 92 -17.29 0.43 -5.37
N TYR A 92 -17.20 0.42 -5.04
CA TYR A 92 -18.41 0.77 -4.51
CA TYR A 92 -17.99 0.80 -3.86
C TYR A 92 -18.14 0.37 -3.06
C TYR A 92 -17.86 -0.19 -2.70
N ASN A 93 -18.60 1.21 -2.12
N ASN A 93 -16.67 -0.74 -2.50
CA ASN A 93 -18.40 0.93 -0.70
CA ASN A 93 -16.45 -1.80 -1.52
C ASN A 93 -17.87 -0.49 -0.49
C ASN A 93 -16.78 -1.36 -0.10
N THR A 94 -17.02 -0.65 0.53
N THR A 94 -16.94 -2.33 0.79
CA THR A 94 -16.50 -1.98 0.86
CA THR A 94 -17.33 -2.06 2.17
C THR A 94 -15.75 -2.00 2.19
C THR A 94 -16.23 -2.41 3.17
N ASN A 95 -14.72 -2.82 2.23
N ASN A 95 -15.06 -2.84 2.66
CA ASN A 95 -13.89 -2.99 3.39
CA ASN A 95 -13.89 -3.02 3.52
C ASN A 95 -12.97 -1.79 3.45
C ASN A 95 -12.97 -1.80 3.47
N CYS A 96 -13.15 -0.93 4.46
CA CYS A 96 -12.38 0.31 4.57
C CYS A 96 -10.93 0.07 4.92
N THR A 97 -10.06 0.94 4.41
CA THR A 97 -8.64 0.88 4.68
C THR A 97 -8.42 1.31 6.13
N ILE A 98 -7.86 0.41 6.92
CA ILE A 98 -7.47 0.69 8.30
C ILE A 98 -6.05 0.20 8.46
N LEU A 99 -5.11 1.13 8.61
CA LEU A 99 -3.73 0.74 8.85
C LEU A 99 -3.59 0.48 10.34
N SER A 100 -3.41 -0.78 10.69
CA SER A 100 -3.37 -1.22 12.07
C SER A 100 -2.67 -2.57 12.15
N VAL A 101 -1.97 -2.85 13.25
CA VAL A 101 -1.42 -4.21 13.49
C VAL A 101 -2.50 -5.28 13.54
N LEU A 102 -3.73 -4.91 13.86
CA LEU A 102 -4.82 -5.88 13.85
C LEU A 102 -5.17 -6.40 12.47
N ASN A 103 -4.82 -5.65 11.42
CA ASN A 103 -5.06 -6.11 10.06
C ASN A 103 -4.13 -7.23 9.63
N TYR A 104 -3.02 -7.43 10.34
CA TYR A 104 -2.22 -8.65 10.17
C TYR A 104 -3.01 -9.91 10.57
N PHE A 105 -4.03 -9.74 11.42
CA PHE A 105 -4.97 -10.80 11.78
C PHE A 105 -6.36 -10.61 11.15
N GLN A 106 -6.41 -9.83 10.07
CA GLN A 106 -7.65 -9.52 9.36
C GLN A 106 -8.76 -8.99 10.27
N ASN A 107 -8.36 -8.19 11.25
CA ASN A 107 -9.30 -7.59 12.21
C ASN A 107 -10.27 -8.60 12.85
N SER A 108 -9.77 -9.79 13.16
CA SER A 108 -10.58 -10.90 13.68
C SER A 108 -10.06 -11.35 15.03
N HIS A 109 -10.95 -11.41 16.02
CA HIS A 109 -10.60 -11.93 17.35
C HIS A 109 -10.13 -13.38 17.30
N SER A 110 -10.81 -14.22 16.50
CA SER A 110 -10.43 -15.62 16.37
C SER A 110 -9.07 -15.83 15.67
N VAL A 111 -8.78 -15.05 14.63
CA VAL A 111 -7.47 -15.15 13.94
C VAL A 111 -6.33 -14.74 14.87
N LEU A 112 -6.55 -13.69 15.65
CA LEU A 112 -5.61 -13.29 16.69
C LEU A 112 -5.36 -14.39 17.73
N ASP A 113 -6.39 -15.19 18.01
CA ASP A 113 -6.26 -16.33 18.93
C ASP A 113 -5.73 -17.64 18.31
N HIS A 114 -5.64 -17.73 16.98
CA HIS A 114 -5.07 -18.90 16.30
C HIS A 114 -3.80 -19.35 17.00
N LYS A 115 -3.70 -20.64 17.28
CA LYS A 115 -2.48 -21.22 17.82
C LYS A 115 -2.38 -22.70 17.47
N LYS A 116 -1.15 -23.16 17.27
CA LYS A 116 -0.85 -24.57 17.07
C LYS A 116 0.14 -25.00 18.14
N GLY A 117 -0.23 -26.04 18.87
CA GLY A 117 0.61 -26.57 19.91
C GLY A 117 0.14 -27.93 20.38
N ASP A 118 1.03 -28.63 21.07
CA ASP A 118 0.69 -29.90 21.73
C ASP A 118 0.13 -29.64 23.12
N ASP A 119 -0.07 -30.72 23.88
CA ASP A 119 -0.60 -30.64 25.23
C ASP A 119 0.09 -29.60 26.14
N PHE A 120 1.34 -29.19 25.84
CA PHE A 120 2.08 -28.19 26.66
C PHE A 120 2.89 -27.06 25.96
N PHE A 121 3.51 -27.30 24.79
CA PHE A 121 4.26 -26.26 24.03
C PHE A 121 3.44 -25.59 22.92
N VAL A 122 3.78 -24.33 22.63
CA VAL A 122 3.19 -23.54 21.54
C VAL A 122 4.18 -23.53 20.38
N TYR A 123 3.76 -24.07 19.23
CA TYR A 123 4.60 -24.09 18.04
C TYR A 123 4.51 -22.76 17.33
N ALA A 124 3.28 -22.28 17.17
CA ALA A 124 3.00 -21.03 16.47
C ALA A 124 1.80 -20.36 17.11
N ASP A 125 1.83 -19.03 17.17
CA ASP A 125 0.71 -18.22 17.66
C ASP A 125 0.83 -16.77 17.09
N TYR A 126 0.13 -15.81 17.68
CA TYR A 126 0.12 -14.43 17.18
C TYR A 126 1.51 -13.77 17.13
N HIS A 127 2.38 -14.13 18.08
CA HIS A 127 3.78 -13.67 18.07
C HIS A 127 4.47 -14.10 16.78
N THR A 128 4.32 -15.38 16.46
CA THR A 128 4.93 -15.95 15.26
C THR A 128 4.42 -15.27 14.01
N HIS A 129 3.10 -15.08 13.96
CA HIS A 129 2.47 -14.40 12.83
C HIS A 129 2.97 -12.95 12.70
N PHE A 130 2.94 -12.22 13.81
CA PHE A 130 3.46 -10.84 13.89
C PHE A 130 4.88 -10.73 13.34
N LEU A 131 5.80 -11.55 13.84
CA LEU A 131 7.21 -11.49 13.42
C LEU A 131 7.42 -11.84 11.95
N TYR A 132 6.56 -12.68 11.40
CA TYR A 132 6.57 -12.92 9.95
C TYR A 132 5.96 -11.72 9.20
N CYS A 133 4.77 -11.28 9.61
CA CYS A 133 4.04 -10.25 8.89
C CYS A 133 4.74 -8.88 8.79
N VAL A 134 5.49 -8.50 9.83
CA VAL A 134 6.31 -7.27 9.76
C VAL A 134 7.43 -7.34 8.70
N ARG A 135 7.84 -8.55 8.33
CA ARG A 135 8.78 -8.76 7.23
C ARG A 135 8.11 -8.99 5.86
N ALA A 136 6.88 -9.48 5.84
CA ALA A 136 6.17 -9.79 4.60
C ALA A 136 4.67 -9.43 4.68
N PRO A 137 4.36 -8.12 4.80
CA PRO A 137 2.97 -7.73 5.05
C PRO A 137 1.99 -7.93 3.89
N ALA A 138 2.48 -8.20 2.68
CA ALA A 138 1.62 -8.52 1.54
C ALA A 138 1.31 -10.01 1.41
N SER A 139 2.00 -10.85 2.19
CA SER A 139 1.85 -12.31 2.10
C SER A 139 0.42 -12.74 2.31
N LEU A 140 -0.03 -13.68 1.46
CA LEU A 140 -1.35 -14.32 1.65
C LEU A 140 -1.27 -15.56 2.54
N ASN A 141 -0.06 -15.93 2.96
CA ASN A 141 0.17 -17.22 3.60
C ASN A 141 1.44 -17.18 4.45
N ASP A 142 1.24 -17.14 5.76
CA ASP A 142 2.29 -17.35 6.75
C ASP A 142 3.04 -18.66 6.43
N THR A 143 4.37 -18.65 6.56
CA THR A 143 5.16 -19.86 6.28
C THR A 143 5.13 -20.83 7.47
N SER A 144 4.75 -20.32 8.65
CA SER A 144 4.57 -21.16 9.84
C SER A 144 3.37 -22.13 9.69
N LEU A 145 3.07 -22.85 10.76
CA LEU A 145 1.99 -23.84 10.76
C LEU A 145 0.58 -23.23 10.75
N LEU A 146 0.49 -21.92 11.04
CA LEU A 146 -0.78 -21.21 11.04
C LEU A 146 -1.34 -21.06 9.63
N HIS A 147 -0.46 -20.73 8.68
CA HIS A 147 -0.82 -20.47 7.28
C HIS A 147 -1.91 -19.39 7.14
N ASP A 148 -1.83 -18.37 7.99
CA ASP A 148 -2.76 -17.24 7.95
C ASP A 148 -2.19 -16.16 7.02
N PRO A 149 -3.06 -15.36 6.40
CA PRO A 149 -2.55 -14.27 5.59
C PRO A 149 -2.07 -13.09 6.46
N CYS A 150 -1.15 -12.29 5.91
CA CYS A 150 -0.76 -11.01 6.51
C CYS A 150 -1.56 -9.81 5.97
N LEU A 151 -2.05 -9.94 4.74
CA LEU A 151 -2.72 -8.85 4.03
C LEU A 151 -3.94 -8.36 4.79
N GLY A 152 -4.09 -7.04 4.89
CA GLY A 152 -5.23 -6.44 5.58
C GLY A 152 -6.51 -6.68 4.81
N THR A 153 -7.64 -6.52 5.47
CA THR A 153 -8.94 -6.85 4.86
C THR A 153 -9.31 -5.90 3.72
N PHE A 154 -8.63 -4.74 3.67
CA PHE A 154 -8.80 -3.78 2.57
C PHE A 154 -8.07 -4.13 1.28
N GLY A 155 -7.28 -5.22 1.29
CA GLY A 155 -6.67 -5.74 0.07
C GLY A 155 -5.24 -5.32 -0.19
N GLY A 156 -4.62 -4.69 0.79
CA GLY A 156 -3.22 -4.26 0.66
C GLY A 156 -2.41 -4.51 1.91
N PRO A 157 -1.08 -4.44 1.80
CA PRO A 157 -0.22 -4.67 2.95
C PRO A 157 -0.25 -3.49 3.92
N VAL A 158 -0.04 -3.77 5.19
CA VAL A 158 0.10 -2.78 6.23
C VAL A 158 1.56 -2.75 6.64
N PHE A 159 2.26 -1.68 6.34
CA PHE A 159 3.69 -1.62 6.63
C PHE A 159 3.92 -1.34 8.11
N PRO A 160 4.81 -2.12 8.75
CA PRO A 160 4.95 -2.09 10.22
C PRO A 160 5.31 -0.72 10.83
N TRP A 161 6.18 0.03 10.15
CA TRP A 161 6.55 1.39 10.58
C TRP A 161 5.39 2.42 10.59
N LEU A 162 4.29 2.13 9.90
CA LEU A 162 3.08 2.97 9.94
C LEU A 162 2.16 2.68 11.12
N VAL A 163 2.26 1.51 11.73
CA VAL A 163 1.29 1.07 12.73
C VAL A 163 1.88 0.83 14.13
N LEU A 164 3.15 1.16 14.34
CA LEU A 164 3.82 0.95 15.61
C LEU A 164 4.71 2.14 15.91
N GLY A 165 4.86 2.45 17.20
CA GLY A 165 5.75 3.52 17.65
C GLY A 165 6.59 3.12 18.85
N GLY A 166 7.71 3.80 19.02
CA GLY A 166 8.57 3.66 20.20
C GLY A 166 9.39 2.40 20.28
N TYR A 167 9.81 1.90 19.14
CA TYR A 167 10.64 0.70 19.06
C TYR A 167 12.00 1.14 18.56
N ASP A 168 12.99 0.28 18.77
CA ASP A 168 14.38 0.55 18.39
C ASP A 168 14.72 -0.20 17.10
N ASP A 169 15.53 0.42 16.24
CA ASP A 169 15.89 -0.11 14.93
C ASP A 169 14.65 -0.65 14.19
N GLN A 170 14.64 -1.92 13.79
CA GLN A 170 13.46 -2.56 13.19
C GLN A 170 12.96 -3.71 14.09
N ASN A 171 13.13 -3.56 15.38
CA ASN A 171 12.65 -4.52 16.35
C ASN A 171 11.23 -4.17 16.74
N TYR A 172 10.30 -4.45 15.82
CA TYR A 172 8.91 -4.01 15.93
C TYR A 172 8.22 -4.58 17.16
N ASN A 173 8.65 -5.79 17.55
CA ASN A 173 8.26 -6.42 18.79
C ASN A 173 8.41 -5.55 20.05
N ASN A 174 9.38 -4.63 20.06
CA ASN A 174 9.60 -3.74 21.22
C ASN A 174 8.79 -2.45 21.19
N ALA A 175 7.72 -2.41 20.41
CA ALA A 175 6.90 -1.22 20.27
C ALA A 175 6.22 -0.87 21.60
N THR A 176 6.19 0.41 21.93
CA THR A 176 5.46 0.93 23.09
C THR A 176 4.20 1.69 22.72
N ALA A 177 3.85 1.71 21.42
CA ALA A 177 2.63 2.38 20.96
C ALA A 177 2.11 1.76 19.68
N LEU A 178 0.80 1.73 19.54
CA LEU A 178 0.14 1.35 18.31
C LEU A 178 -0.39 2.61 17.67
N VAL A 179 -0.38 2.64 16.33
CA VAL A 179 -0.91 3.74 15.56
C VAL A 179 -1.99 3.16 14.66
N ILE A 180 -3.17 3.77 14.68
CA ILE A 180 -4.32 3.33 13.88
C ILE A 180 -4.70 4.48 12.94
N THR A 181 -4.82 4.20 11.64
CA THR A 181 -5.04 5.23 10.64
C THR A 181 -6.16 4.87 9.67
N PHE A 182 -7.16 5.75 9.54
CA PHE A 182 -8.29 5.60 8.62
C PHE A 182 -8.18 6.71 7.58
N PRO A 183 -7.89 6.38 6.31
CA PRO A 183 -8.03 7.40 5.28
C PRO A 183 -9.50 7.67 4.96
N VAL A 184 -9.88 8.95 4.89
CA VAL A 184 -11.22 9.38 4.47
C VAL A 184 -11.12 10.45 3.40
N ASN A 185 -12.13 10.51 2.52
CA ASN A 185 -12.17 11.47 1.41
C ASN A 185 -12.10 12.89 1.92
N ASN A 186 -11.21 13.69 1.36
CA ASN A 186 -11.23 15.13 1.66
C ASN A 186 -12.35 15.87 0.91
N TYR A 187 -12.83 15.32 -0.21
CA TYR A 187 -13.95 15.90 -0.97
C TYR A 187 -13.76 17.40 -1.31
N TYR A 188 -12.53 17.79 -1.64
CA TYR A 188 -12.21 19.18 -2.00
C TYR A 188 -13.12 19.84 -3.06
N ASN A 189 -13.64 19.03 -3.98
CA ASN A 189 -14.51 19.49 -5.04
C ASN A 189 -15.99 19.25 -4.80
N ASP A 190 -16.34 18.45 -3.79
CA ASP A 190 -17.74 18.15 -3.49
C ASP A 190 -18.11 18.67 -2.10
N THR A 191 -18.86 19.75 -2.08
CA THR A 191 -19.25 20.43 -0.86
C THR A 191 -20.26 19.63 -0.03
N GLU A 192 -21.25 19.04 -0.69
CA GLU A 192 -22.32 18.30 0.03
C GLU A 192 -21.81 17.00 0.65
N LYS A 193 -20.87 16.33 -0.02
CA LYS A 193 -20.26 15.11 0.50
C LYS A 193 -19.22 15.38 1.58
N LEU A 194 -18.54 16.54 1.50
CA LEU A 194 -17.56 16.93 2.52
C LEU A 194 -18.24 17.21 3.85
N GLN A 195 -19.36 17.91 3.80
CA GLN A 195 -20.17 18.18 4.99
C GLN A 195 -20.58 16.89 5.70
N ARG A 196 -20.97 15.87 4.93
CA ARG A 196 -21.30 14.55 5.49
C ARG A 196 -20.08 13.92 6.17
N ALA A 197 -18.91 14.00 5.52
CA ALA A 197 -17.68 13.46 6.09
C ALA A 197 -17.28 14.18 7.39
N GLN A 198 -17.47 15.50 7.41
CA GLN A 198 -17.20 16.31 8.59
C GLN A 198 -18.17 16.02 9.73
N ALA A 199 -19.41 15.68 9.39
CA ALA A 199 -20.38 15.23 10.38
C ALA A 199 -19.91 13.93 11.04
N TRP A 200 -19.42 12.99 10.20
CA TRP A 200 -18.86 11.74 10.71
C TRP A 200 -17.65 11.99 11.61
N GLU A 201 -16.76 12.89 11.18
CA GLU A 201 -15.56 13.21 11.94
C GLU A 201 -15.90 13.75 13.33
N LYS A 202 -16.95 14.56 13.42
CA LYS A 202 -17.40 15.09 14.71
C LYS A 202 -17.84 13.97 15.63
N GLU A 203 -18.58 13.00 15.12
CA GLU A 203 -18.94 11.82 15.91
C GLU A 203 -17.73 10.97 16.30
N PHE A 204 -16.77 10.82 15.39
CA PHE A 204 -15.51 10.12 15.66
C PHE A 204 -14.74 10.76 16.81
N ILE A 205 -14.63 12.08 16.79
CA ILE A 205 -13.95 12.80 17.85
C ILE A 205 -14.65 12.59 19.19
N ASN A 206 -15.97 12.66 19.18
CA ASN A 206 -16.79 12.40 20.37
C ASN A 206 -16.65 11.01 20.92
N PHE A 207 -16.68 10.03 20.01
CA PHE A 207 -16.52 8.65 20.40
C PHE A 207 -15.18 8.43 21.11
N VAL A 208 -14.10 8.94 20.53
CA VAL A 208 -12.76 8.77 21.10
C VAL A 208 -12.64 9.49 22.44
N LYS A 209 -13.13 10.71 22.51
CA LYS A 209 -13.10 11.50 23.75
C LYS A 209 -13.79 10.84 24.92
N ASN A 210 -14.92 10.20 24.67
CA ASN A 210 -15.70 9.54 25.70
C ASN A 210 -15.42 8.04 25.87
N TYR A 211 -14.48 7.47 25.11
CA TYR A 211 -14.21 6.03 25.20
C TYR A 211 -13.54 5.72 26.53
N LYS A 212 -14.12 4.77 27.27
CA LYS A 212 -13.65 4.41 28.61
C LYS A 212 -12.93 3.07 28.55
N ASN A 213 -11.64 3.09 28.82
CA ASN A 213 -10.89 1.87 29.08
C ASN A 213 -9.64 2.26 29.87
N PRO A 214 -9.57 1.87 31.16
CA PRO A 214 -8.37 2.17 31.95
C PRO A 214 -7.07 1.57 31.38
N ASN A 215 -7.19 0.47 30.62
CA ASN A 215 -6.01 -0.19 30.03
C ASN A 215 -5.37 0.52 28.85
N LEU A 216 -6.06 1.49 28.24
CA LEU A 216 -5.57 2.17 27.04
C LEU A 216 -5.56 3.67 27.25
N THR A 217 -4.49 4.34 26.83
CA THR A 217 -4.55 5.79 26.62
C THR A 217 -4.61 6.02 25.10
N ILE A 218 -5.70 6.64 24.65
CA ILE A 218 -5.97 6.91 23.25
C ILE A 218 -5.79 8.41 22.99
N SER A 219 -4.97 8.76 22.00
CA SER A 219 -4.74 10.17 21.64
C SER A 219 -4.87 10.38 20.14
N PHE A 220 -5.27 11.58 19.76
CA PHE A 220 -5.15 12.03 18.37
C PHE A 220 -3.70 12.43 18.12
N THR A 221 -3.23 12.21 16.89
CA THR A 221 -1.87 12.59 16.53
C THR A 221 -1.80 14.03 16.06
N ALA A 222 -0.64 14.65 16.30
CA ALA A 222 -0.35 16.03 15.91
C ALA A 222 0.02 16.13 14.42
N GLU A 223 -0.83 16.80 13.65
CA GLU A 223 -0.63 17.02 12.22
C GLU A 223 0.39 18.13 11.96
N GLU B 8 1.84 12.53 -3.81
CA GLU B 8 2.43 12.80 -5.16
C GLU B 8 3.94 13.13 -5.16
N LYS B 9 4.44 13.72 -4.07
CA LYS B 9 5.87 14.04 -3.92
C LYS B 9 6.44 13.64 -2.54
N GLU B 10 5.84 14.19 -1.48
CA GLU B 10 6.28 13.89 -0.12
C GLU B 10 5.63 12.67 0.52
N TYR B 11 4.56 12.15 -0.10
CA TYR B 11 3.93 10.88 0.33
C TYR B 11 4.94 9.75 0.44
N PHE B 12 5.85 9.68 -0.53
CA PHE B 12 6.82 8.59 -0.65
C PHE B 12 7.89 8.60 0.45
N ASP B 13 8.25 9.80 0.91
CA ASP B 13 9.27 9.98 1.95
C ASP B 13 8.83 9.55 3.36
N GLN B 14 7.51 9.40 3.57
CA GLN B 14 6.97 8.91 4.85
C GLN B 14 6.14 7.63 4.72
N HIS B 15 5.51 7.39 3.58
CA HIS B 15 4.95 6.06 3.33
C HIS B 15 6.08 5.01 3.37
N PHE B 16 7.20 5.26 2.68
CA PHE B 16 8.39 4.37 2.75
C PHE B 16 9.26 4.58 3.94
N GLY B 17 9.02 5.67 4.67
CA GLY B 17 9.28 5.66 6.10
C GLY B 17 10.74 5.79 6.38
N PRO B 18 11.15 5.52 7.61
CA PRO B 18 12.54 5.72 7.96
C PRO B 18 13.54 4.73 7.37
N PHE B 19 13.09 3.57 6.89
CA PHE B 19 14.03 2.51 6.51
C PHE B 19 14.21 2.33 5.01
N PHE B 20 13.43 3.03 4.20
CA PHE B 20 13.51 2.91 2.75
C PHE B 20 13.54 4.29 2.13
N ARG B 21 14.34 4.43 1.08
CA ARG B 21 14.31 5.63 0.24
C ARG B 21 13.72 5.23 -1.11
N THR B 22 13.43 6.21 -1.95
CA THR B 22 12.86 5.95 -3.28
C THR B 22 13.72 6.50 -4.41
N GLU B 23 14.01 5.66 -5.41
CA GLU B 23 14.49 6.14 -6.71
C GLU B 23 13.25 6.37 -7.51
N GLN B 24 13.15 7.54 -8.13
CA GLN B 24 11.95 7.96 -8.81
C GLN B 24 12.20 8.66 -10.16
N LEU B 25 11.44 8.25 -11.18
CA LEU B 25 11.54 8.81 -12.52
C LEU B 25 10.22 9.42 -12.95
N ILE B 26 10.28 10.57 -13.62
CA ILE B 26 9.10 11.11 -14.31
C ILE B 26 9.29 10.94 -15.80
N ILE B 27 8.26 10.44 -16.46
CA ILE B 27 8.33 10.07 -17.87
C ILE B 27 7.22 10.76 -18.65
N ARG B 28 7.59 11.46 -19.72
CA ARG B 28 6.63 12.09 -20.64
C ARG B 28 6.87 11.59 -22.05
N ALA B 29 5.85 11.73 -22.90
CA ALA B 29 5.92 11.29 -24.30
C ALA B 29 5.75 12.49 -25.27
N PRO B 30 6.83 13.25 -25.53
CA PRO B 30 6.70 14.53 -26.26
C PRO B 30 6.32 14.43 -27.75
N LEU B 31 6.57 13.29 -28.38
CA LEU B 31 6.22 13.09 -29.80
C LEU B 31 4.91 12.32 -30.00
N THR B 32 4.07 12.22 -28.97
CA THR B 32 2.84 11.43 -29.02
C THR B 32 1.66 12.34 -28.72
N ASP B 33 0.56 12.12 -29.44
CA ASP B 33 -0.64 12.91 -29.26
C ASP B 33 -1.56 12.18 -28.32
N LYS B 34 -2.53 12.91 -27.77
CA LYS B 34 -3.62 12.29 -27.02
C LYS B 34 -4.46 11.44 -27.99
N HIS B 35 -5.39 10.68 -27.45
CA HIS B 35 -6.32 9.91 -28.27
C HIS B 35 -7.59 9.59 -27.53
N ILE B 36 -8.61 9.24 -28.31
CA ILE B 36 -9.95 9.02 -27.80
C ILE B 36 -10.19 7.53 -27.64
N TYR B 37 -10.84 7.18 -26.54
CA TYR B 37 -11.35 5.83 -26.32
C TYR B 37 -12.86 5.97 -26.18
N GLN B 38 -13.59 5.15 -26.95
CA GLN B 38 -15.04 5.18 -27.00
C GLN B 38 -15.57 3.92 -26.32
N PRO B 39 -16.19 4.08 -25.13
CA PRO B 39 -16.65 2.88 -24.44
C PRO B 39 -17.84 2.21 -25.12
N TYR B 40 -17.87 0.88 -25.01
CA TYR B 40 -18.90 0.05 -25.59
C TYR B 40 -19.89 -0.34 -24.48
N PRO B 41 -21.20 -0.40 -24.76
CA PRO B 41 -21.82 -0.07 -26.06
C PRO B 41 -22.04 1.43 -26.28
N SER B 42 -22.30 2.16 -25.20
CA SER B 42 -22.51 3.60 -25.23
C SER B 42 -21.76 4.22 -24.06
N GLY B 43 -21.65 5.54 -24.08
CA GLY B 43 -20.99 6.30 -23.03
C GLY B 43 -20.18 7.45 -23.60
N ALA B 44 -19.94 8.45 -22.79
CA ALA B 44 -19.17 9.63 -23.19
C ALA B 44 -17.73 9.24 -23.55
N ASP B 45 -17.14 9.96 -24.50
CA ASP B 45 -15.75 9.74 -24.90
C ASP B 45 -14.79 10.03 -23.73
N VAL B 46 -13.70 9.25 -23.68
CA VAL B 46 -12.66 9.45 -22.67
C VAL B 46 -11.34 9.68 -23.41
N PRO B 47 -10.82 10.91 -23.34
CA PRO B 47 -9.51 11.17 -23.92
C PRO B 47 -8.39 10.63 -23.02
N PHE B 48 -7.35 10.08 -23.64
CA PHE B 48 -6.20 9.57 -22.94
C PHE B 48 -4.98 10.37 -23.36
N GLY B 49 -4.20 10.82 -22.38
CA GLY B 49 -3.04 11.67 -22.64
C GLY B 49 -1.90 10.93 -23.31
N PRO B 50 -0.90 11.68 -23.82
CA PRO B 50 0.22 11.09 -24.57
C PRO B 50 0.90 9.86 -23.94
N PRO B 51 1.22 9.91 -22.63
CA PRO B 51 1.92 8.74 -22.07
C PRO B 51 1.08 7.48 -21.88
N LEU B 52 -0.23 7.55 -22.10
CA LEU B 52 -1.10 6.38 -22.01
C LEU B 52 -1.47 5.80 -23.37
N ASP B 53 -0.76 6.23 -24.42
CA ASP B 53 -0.77 5.53 -25.71
C ASP B 53 -0.24 4.11 -25.48
N ILE B 54 -0.91 3.13 -26.07
CA ILE B 54 -0.57 1.71 -25.88
C ILE B 54 0.91 1.39 -26.16
N GLN B 55 1.47 2.00 -27.21
CA GLN B 55 2.86 1.73 -27.60
C GLN B 55 3.87 2.35 -26.66
N ILE B 56 3.57 3.54 -26.18
CA ILE B 56 4.42 4.18 -25.20
C ILE B 56 4.42 3.39 -23.89
N LEU B 57 3.27 2.87 -23.48
CA LEU B 57 3.21 2.01 -22.29
C LEU B 57 4.06 0.77 -22.44
N HIS B 58 4.04 0.13 -23.63
CA HIS B 58 4.92 -0.99 -23.93
C HIS B 58 6.40 -0.59 -23.80
N GLN B 59 6.73 0.59 -24.32
CA GLN B 59 8.10 1.11 -24.26
C GLN B 59 8.53 1.46 -22.84
N VAL B 60 7.61 2.02 -22.06
CA VAL B 60 7.86 2.30 -20.66
C VAL B 60 8.01 0.99 -19.87
N LEU B 61 7.27 -0.05 -20.23
CA LEU B 61 7.43 -1.34 -19.58
C LEU B 61 8.82 -1.94 -19.84
N ASP B 62 9.35 -1.74 -21.05
CA ASP B 62 10.68 -2.25 -21.40
C ASP B 62 11.76 -1.55 -20.58
N LEU B 63 11.63 -0.23 -20.47
CA LEU B 63 12.46 0.57 -19.57
C LEU B 63 12.43 0.01 -18.13
N GLN B 64 11.22 -0.25 -17.64
CA GLN B 64 11.00 -0.76 -16.29
C GLN B 64 11.65 -2.12 -16.07
N ILE B 65 11.43 -3.04 -17.01
CA ILE B 65 12.02 -4.37 -16.97
C ILE B 65 13.54 -4.29 -17.01
N ALA B 66 14.07 -3.35 -17.81
CA ALA B 66 15.52 -3.19 -17.93
C ALA B 66 16.13 -2.68 -16.61
N ILE B 67 15.44 -1.73 -15.96
CA ILE B 67 15.82 -1.26 -14.62
C ILE B 67 15.87 -2.39 -13.59
N GLU B 68 14.84 -3.26 -13.57
CA GLU B 68 14.84 -4.45 -12.69
C GLU B 68 16.04 -5.36 -12.90
N ASN B 69 16.53 -5.43 -14.13
CA ASN B 69 17.65 -6.29 -14.53
C ASN B 69 19.04 -5.64 -14.35
N ILE B 70 19.11 -4.36 -13.98
CA ILE B 70 20.40 -3.71 -13.76
C ILE B 70 21.14 -4.40 -12.62
N THR B 71 22.43 -4.61 -12.83
CA THR B 71 23.32 -5.14 -11.80
C THR B 71 24.55 -4.23 -11.65
N ALA B 72 25.07 -4.17 -10.43
CA ALA B 72 26.32 -3.49 -10.11
C ALA B 72 27.23 -4.48 -9.40
N SER B 73 28.53 -4.22 -9.41
CA SER B 73 29.47 -5.05 -8.65
C SER B 73 30.11 -4.25 -7.51
N TYR B 74 30.25 -4.91 -6.37
CA TYR B 74 30.90 -4.30 -5.20
C TYR B 74 31.77 -5.37 -4.54
N ASP B 75 33.06 -5.07 -4.40
CA ASP B 75 34.11 -6.10 -4.23
C ASP B 75 33.98 -7.10 -5.40
N ASN B 76 33.89 -8.40 -5.12
CA ASN B 76 33.70 -9.40 -6.16
C ASN B 76 32.20 -9.78 -6.30
N GLU B 77 31.37 -9.31 -5.37
CA GLU B 77 29.93 -9.63 -5.36
C GLU B 77 29.16 -8.90 -6.48
N THR B 78 27.95 -9.38 -6.76
CA THR B 78 27.00 -8.75 -7.69
C THR B 78 25.81 -8.24 -6.90
N VAL B 79 25.37 -7.00 -7.19
CA VAL B 79 24.24 -6.37 -6.53
C VAL B 79 23.09 -6.19 -7.52
N THR B 80 21.96 -6.81 -7.20
CA THR B 80 20.72 -6.65 -7.97
C THR B 80 19.76 -5.75 -7.21
N LEU B 81 18.74 -5.26 -7.90
CA LEU B 81 17.63 -4.57 -7.25
C LEU B 81 16.90 -5.48 -6.23
N GLN B 82 16.84 -6.78 -6.51
CA GLN B 82 16.16 -7.73 -5.64
C GLN B 82 16.84 -7.89 -4.28
N ASP B 83 18.15 -7.63 -4.22
CA ASP B 83 18.88 -7.62 -2.97
C ASP B 83 18.57 -6.44 -2.05
N ILE B 84 18.18 -5.30 -2.63
CA ILE B 84 18.02 -4.06 -1.87
C ILE B 84 16.59 -3.52 -1.78
N CYS B 85 15.65 -4.12 -2.50
CA CYS B 85 14.30 -3.54 -2.64
C CYS B 85 13.36 -3.92 -1.50
N LEU B 86 12.25 -3.21 -1.43
CA LEU B 86 11.11 -3.56 -0.61
C LEU B 86 10.30 -4.62 -1.35
N ALA B 87 10.18 -5.81 -0.76
CA ALA B 87 9.52 -6.95 -1.38
C ALA B 87 8.60 -7.64 -0.37
N PRO B 88 7.38 -7.11 -0.18
CA PRO B 88 6.54 -7.51 0.97
C PRO B 88 5.77 -8.82 0.85
N LEU B 89 5.95 -9.58 -0.23
CA LEU B 89 5.27 -10.88 -0.36
C LEU B 89 5.89 -11.97 0.48
N SER B 90 7.20 -11.91 0.69
CA SER B 90 7.92 -12.91 1.48
C SER B 90 9.18 -12.31 2.12
N PRO B 91 9.69 -12.92 3.22
N PRO B 91 9.67 -12.92 3.23
CA PRO B 91 10.94 -12.45 3.87
CA PRO B 91 10.85 -12.46 4.00
C PRO B 91 12.18 -12.36 2.97
C PRO B 91 12.17 -12.30 3.22
N TYR B 92 12.16 -13.06 1.84
N TYR B 92 12.35 -13.04 2.14
CA TYR B 92 13.17 -12.87 0.80
CA TYR B 92 13.55 -12.87 1.32
C TYR B 92 12.58 -13.01 -0.60
C TYR B 92 13.27 -12.17 0.00
N ASN B 93 11.45 -12.35 -0.85
N ASN B 93 14.09 -12.48 -1.01
CA ASN B 93 10.79 -12.42 -2.15
CA ASN B 93 13.93 -11.88 -2.32
C ASN B 93 11.58 -11.73 -3.26
C ASN B 93 12.62 -12.34 -2.94
N THR B 94 11.25 -12.10 -4.50
N THR B 94 12.05 -11.49 -3.79
CA THR B 94 11.92 -11.57 -5.67
CA THR B 94 10.86 -11.84 -4.56
C THR B 94 11.05 -10.63 -6.51
C THR B 94 10.52 -10.62 -5.40
N ASN B 95 9.82 -10.35 -6.06
N ASN B 95 9.26 -10.45 -5.78
CA ASN B 95 8.99 -9.32 -6.70
CA ASN B 95 8.88 -9.33 -6.65
C ASN B 95 9.09 -7.98 -5.99
C ASN B 95 9.08 -7.98 -5.96
N CYS B 96 9.95 -7.13 -6.52
CA CYS B 96 10.19 -5.80 -5.95
C CYS B 96 9.01 -4.85 -6.14
N THR B 97 8.83 -3.98 -5.16
CA THR B 97 7.78 -2.96 -5.20
C THR B 97 8.15 -1.94 -6.26
N ILE B 98 7.30 -1.81 -7.28
CA ILE B 98 7.44 -0.79 -8.30
C ILE B 98 6.10 -0.11 -8.43
N LEU B 99 6.01 1.14 -8.00
CA LEU B 99 4.79 1.91 -8.17
C LEU B 99 4.78 2.47 -9.58
N SER B 100 3.89 1.93 -10.39
CA SER B 100 3.82 2.27 -11.81
C SER B 100 2.46 1.88 -12.34
N VAL B 101 1.97 2.62 -13.33
CA VAL B 101 0.73 2.27 -14.02
C VAL B 101 0.82 0.91 -14.70
N LEU B 102 2.03 0.48 -15.03
CA LEU B 102 2.21 -0.85 -15.62
C LEU B 102 1.90 -1.99 -14.68
N ASN B 103 1.92 -1.74 -13.37
CA ASN B 103 1.58 -2.77 -12.41
C ASN B 103 0.09 -3.07 -12.36
N TYR B 104 -0.74 -2.17 -12.90
CA TYR B 104 -2.15 -2.50 -13.15
C TYR B 104 -2.29 -3.64 -14.17
N PHE B 105 -1.28 -3.82 -15.02
CA PHE B 105 -1.21 -4.95 -15.95
C PHE B 105 -0.15 -6.00 -15.55
N GLN B 106 0.21 -5.98 -14.27
CA GLN B 106 1.20 -6.89 -13.69
C GLN B 106 2.52 -6.90 -14.43
N ASN B 107 2.91 -5.72 -14.90
CA ASN B 107 4.15 -5.53 -15.65
C ASN B 107 4.34 -6.53 -16.81
N SER B 108 3.25 -6.84 -17.51
CA SER B 108 3.23 -7.84 -18.57
C SER B 108 2.80 -7.22 -19.89
N HIS B 109 3.60 -7.41 -20.93
CA HIS B 109 3.24 -6.93 -22.28
C HIS B 109 1.93 -7.57 -22.78
N SER B 110 1.77 -8.87 -22.53
CA SER B 110 0.56 -9.58 -22.98
C SER B 110 -0.70 -9.14 -22.24
N VAL B 111 -0.60 -8.89 -20.92
CA VAL B 111 -1.77 -8.41 -20.15
C VAL B 111 -2.19 -7.02 -20.62
N LEU B 112 -1.20 -6.17 -20.89
CA LEU B 112 -1.46 -4.84 -21.47
C LEU B 112 -2.17 -4.94 -22.84
N ASP B 113 -1.87 -5.98 -23.61
CA ASP B 113 -2.52 -6.23 -24.90
C ASP B 113 -3.87 -6.96 -24.85
N HIS B 114 -4.23 -7.52 -23.69
CA HIS B 114 -5.55 -8.17 -23.53
C HIS B 114 -6.65 -7.32 -24.12
N LYS B 115 -7.50 -7.95 -24.92
CA LYS B 115 -8.68 -7.28 -25.45
C LYS B 115 -9.77 -8.27 -25.80
N LYS B 116 -11.01 -7.85 -25.62
CA LYS B 116 -12.18 -8.63 -26.00
C LYS B 116 -12.98 -7.78 -26.97
N GLY B 117 -13.22 -8.33 -28.16
CA GLY B 117 -14.00 -7.64 -29.18
C GLY B 117 -14.37 -8.55 -30.33
N ASP B 118 -15.36 -8.10 -31.09
CA ASP B 118 -15.77 -8.77 -32.33
C ASP B 118 -14.99 -8.22 -33.53
N ASP B 119 -15.45 -8.53 -34.73
CA ASP B 119 -14.92 -7.99 -36.01
C ASP B 119 -14.72 -6.48 -36.07
N PHE B 120 -15.69 -5.73 -35.55
CA PHE B 120 -15.69 -4.26 -35.63
C PHE B 120 -15.21 -3.64 -34.33
N PHE B 121 -15.88 -4.00 -33.25
CA PHE B 121 -15.83 -3.25 -32.00
C PHE B 121 -15.00 -3.87 -30.87
N VAL B 122 -14.48 -3.00 -30.00
CA VAL B 122 -13.73 -3.39 -28.80
C VAL B 122 -14.68 -3.28 -27.62
N TYR B 123 -14.92 -4.40 -26.93
CA TYR B 123 -15.75 -4.40 -25.73
C TYR B 123 -14.96 -3.93 -24.52
N ALA B 124 -13.77 -4.49 -24.38
CA ALA B 124 -12.87 -4.20 -23.27
C ALA B 124 -11.42 -4.27 -23.74
N ASP B 125 -10.57 -3.38 -23.21
CA ASP B 125 -9.13 -3.40 -23.47
C ASP B 125 -8.41 -2.66 -22.32
N TYR B 126 -7.16 -2.26 -22.52
CA TYR B 126 -6.36 -1.64 -21.47
C TYR B 126 -6.97 -0.34 -20.91
N HIS B 127 -7.68 0.41 -21.76
CA HIS B 127 -8.43 1.60 -21.33
C HIS B 127 -9.45 1.22 -20.26
N THR B 128 -10.22 0.19 -20.56
CA THR B 128 -11.27 -0.30 -19.65
C THR B 128 -10.66 -0.74 -18.34
N HIS B 129 -9.57 -1.49 -18.42
CA HIS B 129 -8.86 -1.97 -17.23
C HIS B 129 -8.32 -0.79 -16.42
N PHE B 130 -7.64 0.15 -17.10
CA PHE B 130 -7.14 1.38 -16.47
C PHE B 130 -8.22 2.12 -15.69
N LEU B 131 -9.35 2.41 -16.33
CA LEU B 131 -10.42 3.19 -15.72
C LEU B 131 -11.07 2.48 -14.53
N TYR B 132 -11.07 1.15 -14.54
CA TYR B 132 -11.49 0.39 -13.37
C TYR B 132 -10.39 0.42 -12.28
N CYS B 133 -9.15 0.11 -12.64
CA CYS B 133 -8.06 -0.01 -11.66
C CYS B 133 -7.74 1.26 -10.87
N VAL B 134 -7.87 2.43 -11.51
CA VAL B 134 -7.70 3.70 -10.79
C VAL B 134 -8.76 3.91 -9.68
N ARG B 135 -9.91 3.27 -9.81
CA ARG B 135 -10.95 3.29 -8.78
C ARG B 135 -10.84 2.13 -7.77
N ALA B 136 -10.23 1.02 -8.17
CA ALA B 136 -10.12 -0.16 -7.32
C ALA B 136 -8.77 -0.88 -7.48
N PRO B 137 -7.68 -0.20 -7.06
CA PRO B 137 -6.34 -0.76 -7.35
C PRO B 137 -5.94 -2.01 -6.58
N ALA B 138 -6.71 -2.39 -5.56
CA ALA B 138 -6.47 -3.63 -4.81
C ALA B 138 -7.22 -4.82 -5.37
N SER B 139 -8.13 -4.57 -6.31
CA SER B 139 -8.97 -5.62 -6.88
C SER B 139 -8.14 -6.74 -7.49
N LEU B 140 -8.56 -7.99 -7.24
CA LEU B 140 -7.96 -9.17 -7.89
C LEU B 140 -8.65 -9.52 -9.20
N ASN B 141 -9.72 -8.79 -9.55
CA ASN B 141 -10.58 -9.18 -10.65
C ASN B 141 -11.35 -7.96 -11.18
N ASP B 142 -10.94 -7.51 -12.35
CA ASP B 142 -11.68 -6.53 -13.16
C ASP B 142 -13.14 -7.01 -13.32
N THR B 143 -14.07 -6.08 -13.22
CA THR B 143 -15.50 -6.38 -13.35
C THR B 143 -15.88 -6.56 -14.83
N SER B 144 -15.08 -5.99 -15.74
CA SER B 144 -15.29 -6.12 -17.19
C SER B 144 -15.05 -7.56 -17.67
N LEU B 145 -15.10 -7.75 -18.99
CA LEU B 145 -14.94 -9.07 -19.59
C LEU B 145 -13.51 -9.60 -19.55
N LEU B 146 -12.54 -8.72 -19.25
CA LEU B 146 -11.13 -9.11 -19.15
C LEU B 146 -10.87 -9.97 -17.93
N HIS B 147 -11.48 -9.60 -16.79
CA HIS B 147 -11.29 -10.28 -15.51
C HIS B 147 -9.81 -10.37 -15.08
N ASP B 148 -9.05 -9.31 -15.37
CA ASP B 148 -7.65 -9.23 -14.98
C ASP B 148 -7.55 -8.57 -13.61
N PRO B 149 -6.50 -8.90 -12.84
CA PRO B 149 -6.32 -8.22 -11.57
C PRO B 149 -5.77 -6.80 -11.74
N CYS B 150 -6.03 -5.94 -10.76
CA CYS B 150 -5.40 -4.61 -10.69
C CYS B 150 -4.13 -4.60 -9.82
N LEU B 151 -4.06 -5.53 -8.86
CA LEU B 151 -3.00 -5.56 -7.86
C LEU B 151 -1.64 -5.71 -8.52
N GLY B 152 -0.65 -4.94 -8.06
CA GLY B 152 0.70 -5.01 -8.61
C GLY B 152 1.36 -6.32 -8.24
N THR B 153 2.43 -6.67 -8.94
CA THR B 153 3.08 -7.97 -8.74
C THR B 153 3.77 -8.10 -7.39
N PHE B 154 4.00 -6.96 -6.73
CA PHE B 154 4.56 -6.93 -5.38
C PHE B 154 3.55 -7.23 -4.26
N GLY B 155 2.27 -7.40 -4.59
CA GLY B 155 1.26 -7.86 -3.64
C GLY B 155 0.43 -6.77 -2.99
N GLY B 156 0.55 -5.54 -3.47
CA GLY B 156 -0.24 -4.42 -2.96
C GLY B 156 -0.78 -3.51 -4.05
N PRO B 157 -1.75 -2.66 -3.70
CA PRO B 157 -2.34 -1.77 -4.69
C PRO B 157 -1.40 -0.63 -5.04
N VAL B 158 -1.54 -0.13 -6.25
CA VAL B 158 -0.79 1.03 -6.73
C VAL B 158 -1.81 2.16 -6.84
N PHE B 159 -1.69 3.17 -5.98
CA PHE B 159 -2.65 4.26 -5.98
C PHE B 159 -2.39 5.22 -7.14
N PRO B 160 -3.43 5.56 -7.92
CA PRO B 160 -3.24 6.30 -9.18
C PRO B 160 -2.51 7.65 -9.06
N TRP B 161 -2.79 8.40 -8.00
CA TRP B 161 -2.13 9.69 -7.73
C TRP B 161 -0.60 9.57 -7.51
N LEU B 162 -0.09 8.39 -7.20
CA LEU B 162 1.34 8.16 -7.06
C LEU B 162 2.07 7.88 -8.38
N VAL B 163 1.34 7.47 -9.41
CA VAL B 163 1.96 7.00 -10.65
C VAL B 163 1.62 7.84 -11.91
N LEU B 164 0.92 8.95 -11.73
CA LEU B 164 0.51 9.80 -12.84
C LEU B 164 0.66 11.24 -12.44
N GLY B 165 0.97 12.09 -13.42
CA GLY B 165 1.08 13.53 -13.21
C GLY B 165 0.40 14.33 -14.31
N GLY B 166 0.05 15.56 -13.98
CA GLY B 166 -0.45 16.53 -14.95
C GLY B 166 -1.86 16.31 -15.43
N TYR B 167 -2.70 15.77 -14.55
CA TYR B 167 -4.10 15.51 -14.84
C TYR B 167 -4.91 16.47 -13.99
N ASP B 168 -6.16 16.66 -14.39
CA ASP B 168 -7.09 17.56 -13.70
C ASP B 168 -8.05 16.75 -12.83
N ASP B 169 -8.40 17.30 -11.67
CA ASP B 169 -9.25 16.63 -10.68
C ASP B 169 -8.81 15.16 -10.47
N GLN B 170 -9.70 14.18 -10.65
CA GLN B 170 -9.34 12.77 -10.61
C GLN B 170 -9.56 12.11 -11.97
N ASN B 171 -9.35 12.88 -13.04
CA ASN B 171 -9.46 12.37 -14.40
C ASN B 171 -8.10 11.84 -14.82
N TYR B 172 -7.76 10.68 -14.29
CA TYR B 172 -6.41 10.09 -14.43
C TYR B 172 -6.06 9.80 -15.88
N ASN B 173 -7.08 9.50 -16.66
CA ASN B 173 -6.98 9.38 -18.11
C ASN B 173 -6.31 10.58 -18.82
N ASN B 174 -6.44 11.78 -18.28
CA ASN B 174 -5.81 12.97 -18.89
C ASN B 174 -4.37 13.24 -18.45
N ALA B 175 -3.70 12.23 -17.91
CA ALA B 175 -2.34 12.40 -17.40
C ALA B 175 -1.37 12.74 -18.54
N THR B 176 -0.47 13.69 -18.28
CA THR B 176 0.60 14.03 -19.24
C THR B 176 1.95 13.52 -18.78
N ALA B 177 1.99 12.76 -17.68
CA ALA B 177 3.25 12.21 -17.19
C ALA B 177 3.01 10.94 -16.37
N LEU B 178 3.95 10.00 -16.50
CA LEU B 178 3.98 8.82 -15.66
C LEU B 178 5.07 9.01 -14.63
N VAL B 179 4.84 8.46 -13.45
CA VAL B 179 5.81 8.49 -12.37
C VAL B 179 6.09 7.04 -12.01
N ILE B 180 7.36 6.67 -11.95
CA ILE B 180 7.78 5.32 -11.61
C ILE B 180 8.63 5.41 -10.34
N THR B 181 8.31 4.60 -9.32
CA THR B 181 8.98 4.69 -8.02
C THR B 181 9.39 3.31 -7.47
N PHE B 182 10.68 3.17 -7.16
CA PHE B 182 11.26 1.94 -6.60
C PHE B 182 11.71 2.27 -5.18
N PRO B 183 11.05 1.71 -4.15
CA PRO B 183 11.64 1.81 -2.81
C PRO B 183 12.86 0.89 -2.67
N VAL B 184 13.95 1.42 -2.12
CA VAL B 184 15.14 0.63 -1.79
C VAL B 184 15.59 0.93 -0.35
N ASN B 185 16.20 -0.07 0.28
CA ASN B 185 16.65 0.03 1.67
C ASN B 185 17.61 1.18 1.86
N ASN B 186 17.37 2.01 2.87
CA ASN B 186 18.34 3.01 3.30
C ASN B 186 19.52 2.40 4.02
N TYR B 187 19.30 1.27 4.71
CA TYR B 187 20.35 0.58 5.46
C TYR B 187 21.12 1.49 6.47
N TYR B 188 20.42 2.41 7.14
CA TYR B 188 21.05 3.36 8.10
C TYR B 188 21.92 2.70 9.20
N ASN B 189 21.61 1.46 9.58
CA ASN B 189 22.41 0.73 10.58
C ASN B 189 23.25 -0.43 10.01
N ASP B 190 23.17 -0.70 8.70
CA ASP B 190 24.06 -1.67 8.06
C ASP B 190 24.94 -0.98 7.00
N THR B 191 26.21 -0.82 7.36
CA THR B 191 27.16 -0.12 6.54
C THR B 191 27.55 -0.91 5.28
N GLU B 192 27.77 -2.21 5.42
CA GLU B 192 28.24 -3.03 4.30
C GLU B 192 27.15 -3.22 3.23
N LYS B 193 25.89 -3.31 3.67
CA LYS B 193 24.75 -3.43 2.77
C LYS B 193 24.37 -2.10 2.11
N LEU B 194 24.61 -0.98 2.80
CA LEU B 194 24.34 0.35 2.24
C LEU B 194 25.26 0.66 1.08
N GLN B 195 26.54 0.33 1.26
CA GLN B 195 27.54 0.49 0.20
C GLN B 195 27.15 -0.26 -1.08
N ARG B 196 26.63 -1.48 -0.91
CA ARG B 196 26.11 -2.27 -2.05
C ARG B 196 24.92 -1.57 -2.73
N ALA B 197 23.99 -1.05 -1.93
CA ALA B 197 22.84 -0.32 -2.47
C ALA B 197 23.24 0.94 -3.23
N GLN B 198 24.23 1.66 -2.69
CA GLN B 198 24.77 2.85 -3.34
C GLN B 198 25.52 2.52 -4.63
N ALA B 199 26.15 1.35 -4.68
CA ALA B 199 26.77 0.87 -5.92
C ALA B 199 25.70 0.64 -7.01
N TRP B 200 24.58 0.02 -6.61
CA TRP B 200 23.45 -0.17 -7.51
C TRP B 200 22.89 1.17 -8.00
N GLU B 201 22.71 2.12 -7.09
CA GLU B 201 22.15 3.43 -7.43
C GLU B 201 23.00 4.15 -8.48
N LYS B 202 24.32 4.00 -8.36
CA LYS B 202 25.23 4.59 -9.32
C LYS B 202 25.03 3.99 -10.74
N GLU B 203 24.85 2.68 -10.83
CA GLU B 203 24.49 2.03 -12.10
C GLU B 203 23.11 2.46 -12.63
N PHE B 204 22.14 2.60 -11.73
CA PHE B 204 20.81 3.08 -12.08
C PHE B 204 20.85 4.47 -12.70
N ILE B 205 21.61 5.36 -12.09
CA ILE B 205 21.74 6.72 -12.60
C ILE B 205 22.37 6.70 -14.00
N ASN B 206 23.41 5.88 -14.17
CA ASN B 206 24.09 5.70 -15.46
C ASN B 206 23.16 5.14 -16.53
N PHE B 207 22.40 4.13 -16.16
CA PHE B 207 21.46 3.52 -17.08
C PHE B 207 20.43 4.55 -17.60
N VAL B 208 19.86 5.32 -16.69
CA VAL B 208 18.85 6.32 -17.05
C VAL B 208 19.46 7.43 -17.91
N LYS B 209 20.63 7.92 -17.52
CA LYS B 209 21.32 8.99 -18.27
C LYS B 209 21.67 8.60 -19.72
N ASN B 210 22.03 7.33 -19.93
CA ASN B 210 22.36 6.82 -21.27
C ASN B 210 21.21 6.13 -22.02
N TYR B 211 20.01 6.06 -21.45
CA TYR B 211 18.88 5.40 -22.10
C TYR B 211 18.44 6.20 -23.31
N LYS B 212 18.38 5.56 -24.47
CA LYS B 212 18.04 6.23 -25.72
C LYS B 212 16.64 5.82 -26.17
N ASN B 213 15.73 6.77 -26.16
CA ASN B 213 14.44 6.58 -26.80
C ASN B 213 13.89 7.96 -27.13
N PRO B 214 13.80 8.30 -28.41
CA PRO B 214 13.25 9.60 -28.80
C PRO B 214 11.81 9.81 -28.33
N ASN B 215 11.06 8.73 -28.15
CA ASN B 215 9.65 8.82 -27.74
C ASN B 215 9.41 9.18 -26.26
N LEU B 216 10.44 9.08 -25.42
CA LEU B 216 10.30 9.34 -23.99
C LEU B 216 11.29 10.38 -23.52
N THR B 217 10.85 11.32 -22.69
CA THR B 217 11.78 12.11 -21.90
C THR B 217 11.71 11.61 -20.46
N ILE B 218 12.84 11.11 -19.97
CA ILE B 218 12.96 10.51 -18.65
C ILE B 218 13.71 11.48 -17.76
N SER B 219 13.15 11.82 -16.60
CA SER B 219 13.81 12.70 -15.63
C SER B 219 13.83 12.12 -14.25
N PHE B 220 14.84 12.46 -13.46
CA PHE B 220 14.83 12.21 -12.03
C PHE B 220 13.99 13.28 -11.36
N THR B 221 13.29 12.92 -10.30
CA THR B 221 12.48 13.88 -9.56
C THR B 221 13.36 14.60 -8.55
N ALA B 222 13.05 15.86 -8.32
CA ALA B 222 13.88 16.71 -7.46
C ALA B 222 13.78 16.24 -5.99
N GLU B 223 14.93 15.91 -5.39
CA GLU B 223 15.01 15.61 -3.94
C GLU B 223 15.83 16.71 -3.27
C1 NAG C . 0.11 -22.11 2.40
C2 NAG C . -0.88 -23.21 2.05
C3 NAG C . -0.38 -24.56 2.60
C4 NAG C . 1.11 -24.87 2.33
C5 NAG C . 1.99 -23.61 2.43
C6 NAG C . 3.36 -23.73 1.75
C7 NAG C . -2.97 -21.90 2.11
C8 NAG C . -4.31 -21.74 2.77
N2 NAG C . -2.21 -22.91 2.57
O3 NAG C . -1.17 -25.61 2.05
O4 NAG C . 1.57 -25.81 3.32
O5 NAG C . 1.33 -22.52 1.80
O6 NAG C . 4.29 -24.38 2.62
O7 NAG C . -2.61 -21.16 1.21
C1 NAG C . 2.32 -26.97 2.86
C2 NAG C . 1.32 -28.12 2.61
C3 NAG C . 2.00 -29.35 1.99
C4 NAG C . 3.03 -29.01 0.92
C5 NAG C . 3.96 -27.90 1.40
C6 NAG C . 5.07 -27.51 0.40
C7 NAG C . -0.61 -28.50 4.11
C8 NAG C . -1.02 -28.89 5.50
N2 NAG C . 0.71 -28.48 3.88
O3 NAG C . 0.98 -30.18 1.41
O4 NAG C . 3.79 -30.17 0.57
O5 NAG C . 3.17 -26.76 1.72
O6 NAG C . 4.77 -27.92 -0.94
O7 NAG C . -1.46 -28.23 3.27
C1 NAG D . 14.35 -4.76 21.26
C2 NAG D . 14.91 -5.00 22.70
C3 NAG D . 16.01 -6.05 22.82
C4 NAG D . 15.69 -7.33 22.07
C5 NAG D . 15.36 -7.04 20.59
C6 NAG D . 14.42 -8.08 20.00
C7 NAG D . 14.69 -3.07 24.21
C8 NAG D . 15.28 -1.76 24.62
N2 NAG D . 15.34 -3.72 23.24
O3 NAG D . 16.17 -6.39 24.20
O4 NAG D . 16.82 -8.22 22.15
O5 NAG D . 14.81 -5.73 20.30
O6 NAG D . 15.14 -9.24 19.58
O7 NAG D . 13.67 -3.51 24.75
C1 NAG D . 16.62 -9.50 22.79
C2 NAG D . 17.79 -10.40 22.42
C3 NAG D . 17.73 -11.77 23.11
C4 NAG D . 17.57 -11.64 24.62
C5 NAG D . 16.42 -10.67 24.92
C6 NAG D . 16.33 -10.39 26.41
C7 NAG D . 18.82 -10.29 20.17
C8 NAG D . 18.64 -10.64 18.72
N2 NAG D . 17.81 -10.64 20.97
O3 NAG D . 18.92 -12.50 22.77
O4 NAG D . 17.23 -12.94 25.17
O5 NAG D . 16.57 -9.42 24.22
O6 NAG D . 15.21 -9.54 26.67
O7 NAG D . 19.83 -9.72 20.55
C1 BMA D . 18.15 -13.76 25.95
C2 BMA D . 19.66 -13.57 25.74
C3 BMA D . 20.39 -14.75 26.39
C4 BMA D . 20.05 -14.84 27.88
C5 BMA D . 18.53 -14.75 28.12
C6 BMA D . 18.22 -14.56 29.61
O2 BMA D . 20.14 -12.37 26.34
O3 BMA D . 21.80 -14.59 26.22
O4 BMA D . 20.54 -16.08 28.38
O5 BMA D . 17.93 -13.67 27.37
O6 BMA D . 16.87 -14.99 29.87
C1 MAN D . 16.41 -14.84 31.23
C2 MAN D . 16.23 -13.36 31.58
C3 MAN D . 17.27 -12.77 32.52
C4 MAN D . 17.50 -13.71 33.68
C5 MAN D . 18.06 -15.03 33.14
C6 MAN D . 18.28 -16.01 34.28
O2 MAN D . 14.93 -13.18 32.16
O3 MAN D . 16.87 -11.49 33.01
O4 MAN D . 18.40 -13.12 34.63
O5 MAN D . 17.18 -15.63 32.18
O6 MAN D . 18.87 -17.22 33.78
C1 NAG E . -8.58 -4.21 31.28
C2 NAG E . -9.91 -4.62 30.66
C3 NAG E . -10.56 -5.73 31.47
C4 NAG E . -9.66 -6.93 31.73
C5 NAG E . -8.27 -6.45 32.20
C6 NAG E . -7.19 -7.52 32.17
C7 NAG E . -11.57 -3.18 29.52
C8 NAG E . -12.45 -1.97 29.69
N2 NAG E . -10.83 -3.49 30.60
O3 NAG E . -11.74 -6.18 30.77
O4 NAG E . -10.38 -7.66 32.74
O5 NAG E . -7.77 -5.39 31.38
O6 NAG E . -7.06 -8.10 30.87
O7 NAG E . -11.55 -3.80 28.48
C1 NAG E . -10.35 -9.11 32.87
C2 NAG E . -10.29 -9.96 31.58
C3 NAG E . -10.02 -11.45 31.87
C4 NAG E . -9.09 -11.72 33.05
C5 NAG E . -9.44 -10.84 34.24
C6 NAG E . -8.54 -11.06 35.45
C7 NAG E . -11.75 -10.28 29.59
C8 NAG E . -13.13 -10.08 29.03
N2 NAG E . -11.55 -9.84 30.85
O3 NAG E . -9.42 -12.06 30.71
O4 NAG E . -9.19 -13.10 33.41
O5 NAG E . -9.32 -9.48 33.80
O6 NAG E . -7.15 -10.94 35.09
O7 NAG E . -10.89 -10.83 28.93
C1 NAG F . -13.81 -7.94 3.82
C2 NAG F . -13.74 -9.06 2.80
C3 NAG F . -14.32 -10.35 3.39
C4 NAG F . -13.63 -10.71 4.70
C5 NAG F . -13.65 -9.50 5.64
C6 NAG F . -12.87 -9.72 6.92
C7 NAG F . -13.91 -8.47 0.40
C8 NAG F . -14.85 -8.02 -0.69
N2 NAG F . -14.47 -8.64 1.61
O3 NAG F . -14.18 -11.44 2.47
O4 NAG F . -14.33 -11.80 5.34
O5 NAG F . -13.09 -8.36 4.97
O6 NAG F . -13.16 -8.66 7.84
O7 NAG F . -12.73 -8.66 0.17
C1 NAG F . -13.57 -13.03 5.47
C2 NAG F . -14.13 -13.84 6.62
C3 NAG F . -13.42 -15.19 6.74
C4 NAG F . -13.43 -15.94 5.41
C5 NAG F . -12.92 -15.04 4.26
C6 NAG F . -13.11 -15.68 2.89
C7 NAG F . -14.96 -12.55 8.57
C8 NAG F . -14.54 -11.87 9.85
N2 NAG F . -13.96 -13.13 7.88
O3 NAG F . -14.08 -16.00 7.73
O4 NAG F . -12.61 -17.10 5.53
O5 NAG F . -13.62 -13.79 4.25
O6 NAG F . -12.69 -17.05 2.89
O7 NAG F . -16.13 -12.54 8.21
C1 NAG G . 5.82 -12.29 -9.05
C2 NAG G . 4.84 -13.32 -8.50
C3 NAG G . 4.48 -14.34 -9.59
C4 NAG G . 3.97 -13.61 -10.83
C5 NAG G . 5.01 -12.59 -11.27
C6 NAG G . 4.63 -11.81 -12.52
C7 NAG G . 4.74 -14.16 -6.16
C8 NAG G . 5.49 -14.89 -5.08
N2 NAG G . 5.40 -13.99 -7.33
O3 NAG G . 3.51 -15.25 -9.06
O4 NAG G . 3.74 -14.53 -11.92
O5 NAG G . 5.23 -11.67 -10.19
O6 NAG G . 5.60 -10.78 -12.76
O7 NAG G . 3.60 -13.78 -5.96
C1 NAG G . 2.44 -15.17 -11.90
C2 NAG G . 1.93 -15.35 -13.33
C3 NAG G . 0.65 -16.20 -13.40
C4 NAG G . 0.73 -17.44 -12.50
C5 NAG G . 1.20 -17.07 -11.11
C6 NAG G . 1.33 -18.28 -10.18
C7 NAG G . 2.43 -13.47 -14.84
C8 NAG G . 1.96 -12.12 -15.30
N2 NAG G . 1.66 -14.04 -13.92
O3 NAG G . 0.43 -16.59 -14.75
O4 NAG G . -0.57 -18.06 -12.45
O5 NAG G . 2.48 -16.43 -11.22
O6 NAG G . 1.78 -17.84 -8.88
O7 NAG G . 3.44 -13.97 -15.30
C1 NAG H . -13.65 -12.90 -11.93
C2 NAG H . -13.09 -14.30 -11.72
C3 NAG H . -13.81 -15.30 -12.62
C4 NAG H . -15.33 -15.22 -12.50
C5 NAG H . -15.82 -13.76 -12.53
C6 NAG H . -17.27 -13.60 -12.09
C7 NAG H . -10.69 -14.52 -11.14
C8 NAG H . -9.30 -14.56 -11.71
N2 NAG H . -11.66 -14.36 -12.04
O3 NAG H . -13.38 -16.62 -12.29
O4 NAG H . -15.80 -16.01 -13.60
O5 NAG H . -15.05 -12.93 -11.65
O6 NAG H . -17.65 -12.22 -12.11
O7 NAG H . -10.89 -14.62 -9.93
C1 NAG H . -16.97 -16.88 -13.52
C2 NAG H . -17.29 -17.51 -12.15
C3 NAG H . -18.62 -18.27 -12.16
C4 NAG H . -19.74 -17.50 -12.86
C5 NAG H . -19.28 -16.99 -14.22
C6 NAG H . -20.34 -16.16 -14.94
C7 NAG H . -15.78 -18.59 -10.52
C8 NAG H . -14.69 -19.61 -10.36
N2 NAG H . -16.24 -18.44 -11.77
O3 NAG H . -19.01 -18.54 -10.80
O4 NAG H . -20.89 -18.34 -13.01
O5 NAG H . -18.11 -16.18 -14.04
O6 NAG H . -20.58 -14.95 -14.22
O7 NAG H . -16.21 -17.98 -9.55
C1 NAG I . -10.35 15.04 -18.82
C2 NAG I . -10.58 15.89 -20.08
C3 NAG I . -12.05 16.06 -20.40
C4 NAG I . -12.83 14.78 -20.17
C5 NAG I . -12.52 14.15 -18.81
C6 NAG I . -13.30 12.87 -18.54
C7 NAG I . -8.80 17.55 -20.43
C8 NAG I . -8.32 18.93 -20.10
N2 NAG I . -9.95 17.19 -19.87
O3 NAG I . -12.16 16.42 -21.78
O4 NAG I . -14.23 15.10 -20.24
O5 NAG I . -11.13 13.85 -18.79
O6 NAG I . -12.95 11.88 -19.52
O7 NAG I . -8.15 16.83 -21.17
C1 NAG I . -14.81 14.52 -21.42
C2 NAG I . -16.32 14.55 -21.28
C3 NAG I . -16.98 13.95 -22.52
C4 NAG I . -16.42 14.58 -23.79
C5 NAG I . -14.89 14.59 -23.79
C6 NAG I . -14.34 15.32 -25.01
C7 NAG I . -17.30 14.31 -19.03
C8 NAG I . -17.63 13.33 -17.94
N2 NAG I . -16.72 13.79 -20.10
O3 NAG I . -18.39 14.15 -22.46
O4 NAG I . -16.88 13.78 -24.89
O5 NAG I . -14.42 15.21 -22.61
O6 NAG I . -12.91 15.22 -25.00
O7 NAG I . -17.57 15.49 -18.90
C1 BMA I . -17.59 14.58 -25.85
C2 BMA I . -17.70 13.76 -27.12
C3 BMA I . -18.39 14.55 -28.23
C4 BMA I . -19.56 15.43 -27.76
C5 BMA I . -19.51 15.89 -26.29
C6 BMA I . -20.92 16.21 -25.78
O2 BMA I . -18.41 12.54 -26.81
O3 BMA I . -18.86 13.57 -29.18
O4 BMA I . -19.58 16.62 -28.56
O5 BMA I . -18.91 14.93 -25.43
O6 BMA I . -21.69 15.00 -25.63
C1 MAN I . -19.08 14.06 -30.51
C2 MAN I . -19.62 12.87 -31.32
C3 MAN I . -18.50 11.87 -31.60
C4 MAN I . -17.30 12.55 -32.24
C5 MAN I . -16.84 13.74 -31.40
C6 MAN I . -15.72 14.50 -32.11
O2 MAN I . -20.21 13.33 -32.55
O3 MAN I . -18.99 10.82 -32.45
O4 MAN I . -16.22 11.61 -32.37
O5 MAN I . -17.94 14.63 -31.17
O6 MAN I . -15.46 15.75 -31.45
C1 MAN I . -23.10 15.27 -25.58
C2 MAN I . -23.82 14.13 -24.86
C3 MAN I . -23.89 12.87 -25.70
C4 MAN I . -24.43 13.16 -27.11
C5 MAN I . -23.70 14.33 -27.75
C6 MAN I . -24.34 14.73 -29.08
O2 MAN I . -25.13 14.58 -24.49
O3 MAN I . -24.73 11.88 -25.08
O4 MAN I . -24.28 11.98 -27.90
O5 MAN I . -23.70 15.48 -26.87
O6 MAN I . -23.54 15.72 -29.74
C1 NAG J . 9.12 5.26 -30.98
C2 NAG J . 9.70 3.85 -30.99
C3 NAG J . 9.36 3.17 -32.31
C4 NAG J . 7.87 3.23 -32.56
C5 NAG J . 7.33 4.65 -32.44
C6 NAG J . 5.80 4.73 -32.53
C7 NAG J . 11.80 3.10 -29.96
C8 NAG J . 13.28 3.37 -29.86
N2 NAG J . 11.14 3.93 -30.76
O3 NAG J . 9.78 1.80 -32.23
O4 NAG J . 7.55 2.79 -33.89
O5 NAG J . 7.71 5.18 -31.19
O6 NAG J . 5.17 3.85 -31.60
O7 NAG J . 11.29 2.18 -29.34
C1 NAG J . 6.69 1.66 -33.86
C2 NAG J . 5.91 1.47 -35.15
C3 NAG J . 4.95 0.31 -34.95
C4 NAG J . 5.73 -0.94 -34.52
C5 NAG J . 6.68 -0.66 -33.36
C6 NAG J . 7.67 -1.79 -33.09
C7 NAG J . 5.71 3.67 -36.29
C8 NAG J . 4.80 4.84 -36.53
N2 NAG J . 5.20 2.70 -35.51
O3 NAG J . 4.22 0.07 -36.15
O4 NAG J . 4.80 -1.97 -34.10
O5 NAG J . 7.47 0.49 -33.61
O6 NAG J . 7.02 -2.85 -32.39
O7 NAG J . 6.84 3.64 -36.77
C1 BMA J . 4.32 -2.95 -35.06
C2 BMA J . 5.41 -3.55 -35.96
C3 BMA J . 4.92 -4.78 -36.73
C4 BMA J . 4.32 -5.80 -35.78
C5 BMA J . 3.22 -5.18 -34.93
C6 BMA J . 2.76 -6.15 -33.84
O2 BMA J . 6.57 -3.93 -35.20
O3 BMA J . 6.02 -5.36 -37.45
O4 BMA J . 3.78 -6.88 -36.54
O5 BMA J . 3.66 -3.97 -34.28
O6 BMA J . 1.65 -5.62 -33.12
C1 NAG K . -16.77 16.66 -8.13
C2 NAG K . -16.42 15.21 -8.45
C3 NAG K . -17.34 14.65 -9.53
C4 NAG K . -18.78 14.79 -9.05
C5 NAG K . -19.08 16.22 -8.60
C6 NAG K . -20.49 16.31 -8.02
C7 NAG K . -14.17 14.28 -8.51
C8 NAG K . -12.83 14.50 -9.10
N2 NAG K . -15.05 15.20 -8.90
O3 NAG K . -17.00 13.29 -9.80
O4 NAG K . -19.65 14.41 -10.12
O5 NAG K . -18.12 16.70 -7.64
O6 NAG K . -20.71 17.58 -7.39
O7 NAG K . -14.42 13.36 -7.75
S SCN L . -14.20 2.78 -3.19
C SCN L . -13.49 4.27 -2.80
N SCN L . -13.02 5.30 -2.52
S SCN M . 10.72 4.96 16.76
C SCN M . 11.18 5.16 15.14
N SCN M . 11.48 5.30 14.03
S SCN N . -0.70 16.88 -11.24
C SCN N . -1.78 16.86 -9.94
N SCN N . -2.48 16.86 -9.02
S SCN O . 14.39 -8.49 -0.28
C SCN O . 15.21 -7.37 0.69
N SCN O . 15.75 -6.58 1.35
#